data_4G4P
#
_entry.id   4G4P
#
_cell.length_a   40.730
_cell.length_b   61.130
_cell.length_c   45.120
_cell.angle_alpha   90.00
_cell.angle_beta   99.05
_cell.angle_gamma   90.00
#
_symmetry.space_group_name_H-M   'P 1 21 1'
#
loop_
_entity.id
_entity.type
_entity.pdbx_description
1 polymer 'Amino acid ABC transporter, amino acid-binding/permease protein'
2 non-polymer '2-(N-MORPHOLINO)-ETHANESULFONIC ACID'
3 non-polymer GLUTAMINE
4 water water
#
_entity_poly.entity_id   1
_entity_poly.type   'polypeptide(L)'
_entity_poly.pdbx_seq_one_letter_code
;MHHHHHHHHHHGENLYFQGMEGKKYTIGTDLTFAPFEFQDSKGKYIGIDVDLLDAIAKDQDFEVDLKPLGFDSAVQAIQS
KQIDGMIAGMSITDERKKSFDFSDPYFDSGLQLAVKKGNDKIKSYDDLKGKTVAAKVGTESANFLEKNKEKYDYTIKNFD
DATGLYKALENGEADAIVDDYPVLGYAVKNGQKLQLVGDKETGSSYGFAVKKGQNPELIKKFNAGLKNLKDNGTYDKILN
NYLA
;
_entity_poly.pdbx_strand_id   A
#
# COMPACT_ATOMS: atom_id res chain seq x y z
N HIS A 10 35.75 27.16 -19.76
N HIS A 10 33.68 27.49 -19.37
CA HIS A 10 34.51 27.50 -20.46
CA HIS A 10 34.73 27.33 -20.38
C HIS A 10 34.23 26.52 -21.59
C HIS A 10 34.20 26.54 -21.58
N HIS A 11 33.43 25.50 -21.29
CA HIS A 11 33.10 24.48 -22.28
C HIS A 11 31.68 24.60 -22.86
N GLY A 12 30.95 25.65 -22.50
CA GLY A 12 29.64 25.88 -23.08
C GLY A 12 28.47 25.71 -22.12
N GLU A 13 27.50 26.61 -22.23
CA GLU A 13 26.37 26.60 -21.31
C GLU A 13 25.18 27.32 -21.92
N ASN A 14 24.02 26.69 -21.75
CA ASN A 14 22.77 27.24 -22.24
C ASN A 14 22.15 28.12 -21.17
N LEU A 15 22.00 29.41 -21.49
CA LEU A 15 21.47 30.37 -20.54
C LEU A 15 19.95 30.41 -20.54
N TYR A 16 19.34 29.66 -21.45
CA TYR A 16 17.87 29.58 -21.59
C TYR A 16 17.36 28.16 -21.42
N PHE A 17 17.41 27.67 -20.19
CA PHE A 17 16.93 26.35 -19.84
C PHE A 17 15.51 26.12 -20.36
N GLN A 18 15.29 24.95 -20.92
CA GLN A 18 13.95 24.52 -21.33
C GLN A 18 13.46 23.46 -20.35
N GLY A 19 12.33 23.74 -19.69
CA GLY A 19 11.81 22.86 -18.67
C GLY A 19 11.38 21.49 -19.18
N MET A 20 11.41 20.50 -18.30
CA MET A 20 11.04 19.13 -18.66
C MET A 20 9.55 18.85 -18.41
N GLU A 21 8.79 19.92 -18.18
CA GLU A 21 7.35 19.84 -17.92
C GLU A 21 6.59 18.88 -18.82
N GLY A 22 5.54 18.27 -18.30
CA GLY A 22 4.71 17.36 -19.06
C GLY A 22 5.23 15.94 -19.13
N LYS A 23 6.29 15.65 -18.37
CA LYS A 23 6.92 14.31 -18.41
C LYS A 23 5.96 13.24 -17.98
N LYS A 24 5.99 12.12 -18.68
CA LYS A 24 5.14 10.99 -18.34
C LYS A 24 5.95 9.98 -17.57
N TYR A 25 5.50 9.70 -16.36
CA TYR A 25 6.16 8.73 -15.49
C TYR A 25 5.35 7.44 -15.39
N THR A 26 6.06 6.31 -15.37
CA THR A 26 5.44 5.03 -15.12
C THR A 26 5.34 4.85 -13.61
N ILE A 27 4.13 4.59 -13.14
CA ILE A 27 3.86 4.50 -11.71
C ILE A 27 3.18 3.18 -11.39
N GLY A 28 3.86 2.36 -10.58
CA GLY A 28 3.28 1.09 -10.18
C GLY A 28 2.30 1.22 -9.04
N THR A 29 1.36 0.29 -8.98
CA THR A 29 0.43 0.23 -7.85
C THR A 29 0.00 -1.21 -7.62
N ASP A 30 -0.74 -1.42 -6.53
CA ASP A 30 -1.24 -2.75 -6.18
C ASP A 30 -2.43 -3.10 -7.08
N LEU A 31 -2.75 -4.39 -7.15
CA LEU A 31 -3.88 -4.85 -7.98
C LEU A 31 -5.22 -4.43 -7.39
N THR A 32 -5.42 -4.71 -6.12
CA THR A 32 -6.58 -4.19 -5.40
C THR A 32 -6.19 -4.00 -3.94
N PHE A 33 -6.50 -2.83 -3.43
CA PHE A 33 -6.13 -2.42 -2.07
C PHE A 33 -7.06 -1.29 -1.70
N ALA A 34 -8.36 -1.59 -1.70
CA ALA A 34 -9.37 -0.57 -1.45
C ALA A 34 -9.27 -0.11 0.00
N PRO A 35 -9.44 1.19 0.25
CA PRO A 35 -9.92 2.24 -0.65
C PRO A 35 -8.83 2.99 -1.40
N PHE A 36 -7.58 2.51 -1.34
CA PHE A 36 -6.46 3.22 -1.97
C PHE A 36 -6.34 3.05 -3.46
N GLU A 37 -6.48 1.82 -3.94
CA GLU A 37 -6.63 1.57 -5.37
C GLU A 37 -7.47 0.33 -5.57
N PHE A 38 -8.37 0.40 -6.53
CA PHE A 38 -9.23 -0.70 -6.92
C PHE A 38 -9.86 -0.33 -8.25
N GLN A 39 -10.65 -1.21 -8.84
CA GLN A 39 -11.23 -0.94 -10.15
C GLN A 39 -12.73 -0.80 -10.09
N ASP A 40 -13.27 0.08 -10.92
CA ASP A 40 -14.72 0.21 -11.06
C ASP A 40 -15.23 -0.86 -12.02
N SER A 41 -16.51 -0.79 -12.40
CA SER A 41 -17.15 -1.86 -13.17
CA SER A 41 -17.13 -1.87 -13.18
C SER A 41 -16.62 -2.00 -14.59
N LYS A 42 -15.93 -0.99 -15.09
CA LYS A 42 -15.37 -1.05 -16.44
C LYS A 42 -13.87 -1.22 -16.41
N GLY A 43 -13.34 -1.45 -15.21
CA GLY A 43 -11.93 -1.80 -15.06
C GLY A 43 -11.03 -0.59 -14.86
N LYS A 44 -11.61 0.59 -14.72
CA LYS A 44 -10.83 1.80 -14.49
C LYS A 44 -10.36 1.83 -13.05
N TYR A 45 -9.08 2.12 -12.85
CA TYR A 45 -8.52 2.26 -11.52
C TYR A 45 -9.05 3.54 -10.86
N ILE A 46 -9.50 3.37 -9.63
CA ILE A 46 -10.04 4.45 -8.80
C ILE A 46 -9.47 4.26 -7.39
N GLY A 47 -9.77 5.20 -6.48
CA GLY A 47 -9.28 5.10 -5.11
C GLY A 47 -8.53 6.33 -4.66
N ILE A 48 -8.27 6.38 -3.36
CA ILE A 48 -7.57 7.52 -2.76
C ILE A 48 -6.21 7.76 -3.38
N ASP A 49 -5.42 6.70 -3.55
CA ASP A 49 -4.08 6.86 -4.13
C ASP A 49 -4.17 7.36 -5.57
N VAL A 50 -5.12 6.80 -6.33
CA VAL A 50 -5.27 7.14 -7.74
C VAL A 50 -5.69 8.60 -7.83
N ASP A 51 -6.64 9.01 -7.00
CA ASP A 51 -7.14 10.39 -7.04
C ASP A 51 -6.09 11.39 -6.55
N LEU A 52 -5.39 11.06 -5.49
CA LEU A 52 -4.33 11.95 -5.01
C LEU A 52 -3.29 12.12 -6.10
N LEU A 53 -2.83 11.01 -6.66
CA LEU A 53 -1.80 11.08 -7.69
C LEU A 53 -2.26 11.89 -8.90
N ASP A 54 -3.49 11.65 -9.36
CA ASP A 54 -3.97 12.33 -10.55
C ASP A 54 -4.12 13.83 -10.29
N ALA A 55 -4.64 14.19 -9.12
CA ALA A 55 -4.77 15.61 -8.79
C ALA A 55 -3.41 16.30 -8.67
N ILE A 56 -2.46 15.60 -8.06
CA ILE A 56 -1.08 16.12 -7.95
C ILE A 56 -0.43 16.28 -9.32
N ALA A 57 -0.64 15.30 -10.20
CA ALA A 57 -0.07 15.33 -11.52
C ALA A 57 -0.60 16.52 -12.30
N LYS A 58 -1.90 16.81 -12.19
CA LYS A 58 -2.47 17.97 -12.90
C LYS A 58 -1.93 19.25 -12.29
N ASP A 59 -1.80 19.28 -10.97
CA ASP A 59 -1.32 20.48 -10.27
C ASP A 59 0.15 20.81 -10.62
N GLN A 60 0.93 19.77 -10.86
CA GLN A 60 2.38 19.91 -11.03
C GLN A 60 2.84 19.66 -12.46
N ASP A 61 1.89 19.49 -13.37
CA ASP A 61 2.19 19.36 -14.80
C ASP A 61 3.12 18.19 -15.09
N PHE A 62 2.75 17.01 -14.62
CA PHE A 62 3.30 15.77 -15.16
C PHE A 62 2.17 14.80 -15.48
N GLU A 63 2.49 13.73 -16.20
CA GLU A 63 1.51 12.73 -16.56
C GLU A 63 1.89 11.39 -15.94
N VAL A 64 0.88 10.54 -15.79
CA VAL A 64 1.02 9.25 -15.14
C VAL A 64 0.63 8.13 -16.08
N ASP A 65 1.46 7.09 -16.13
CA ASP A 65 1.13 5.85 -16.80
C ASP A 65 1.07 4.79 -15.71
N LEU A 66 -0.14 4.46 -15.28
CA LEU A 66 -0.34 3.61 -14.12
C LEU A 66 -0.16 2.14 -14.49
N LYS A 67 0.66 1.43 -13.70
CA LYS A 67 1.02 0.04 -13.95
C LYS A 67 0.60 -0.81 -12.74
N PRO A 68 -0.61 -1.38 -12.79
CA PRO A 68 -1.04 -2.25 -11.69
C PRO A 68 -0.22 -3.53 -11.75
N LEU A 69 0.52 -3.79 -10.70
CA LEU A 69 1.45 -4.90 -10.71
C LEU A 69 1.23 -5.80 -9.54
N GLY A 70 0.75 -5.24 -8.42
CA GLY A 70 0.77 -5.95 -7.15
C GLY A 70 1.85 -5.33 -6.30
N PHE A 71 1.71 -5.44 -5.00
CA PHE A 71 2.59 -4.69 -4.13
C PHE A 71 4.06 -5.11 -4.23
N ASP A 72 4.36 -6.37 -3.94
CA ASP A 72 5.74 -6.80 -3.97
C ASP A 72 6.31 -6.69 -5.37
N SER A 73 5.48 -6.96 -6.37
CA SER A 73 5.92 -6.86 -7.76
CA SER A 73 5.90 -6.85 -7.76
C SER A 73 6.33 -5.42 -8.08
N ALA A 74 5.56 -4.45 -7.58
CA ALA A 74 5.91 -3.04 -7.82
C ALA A 74 7.20 -2.68 -7.10
N VAL A 75 7.37 -3.13 -5.86
CA VAL A 75 8.60 -2.90 -5.12
C VAL A 75 9.80 -3.38 -5.94
N GLN A 76 9.72 -4.62 -6.42
N GLN A 76 9.72 -4.60 -6.46
CA GLN A 76 10.81 -5.18 -7.23
CA GLN A 76 10.84 -5.17 -7.22
C GLN A 76 11.04 -4.34 -8.46
C GLN A 76 11.04 -4.48 -8.56
N ALA A 77 9.96 -3.97 -9.13
CA ALA A 77 10.03 -3.21 -10.38
C ALA A 77 10.72 -1.86 -10.18
N ILE A 78 10.52 -1.23 -9.02
CA ILE A 78 11.23 0.00 -8.71
C ILE A 78 12.73 -0.29 -8.59
N GLN A 79 13.07 -1.36 -7.87
CA GLN A 79 14.48 -1.63 -7.62
C GLN A 79 15.19 -2.09 -8.89
N SER A 80 14.44 -2.65 -9.83
CA SER A 80 15.05 -3.07 -11.09
CA SER A 80 14.95 -3.11 -11.12
C SER A 80 14.89 -2.04 -12.20
N LYS A 81 14.50 -0.82 -11.80
CA LYS A 81 14.39 0.33 -12.69
C LYS A 81 13.47 0.09 -13.90
N GLN A 82 12.38 -0.64 -13.66
CA GLN A 82 11.37 -0.90 -14.68
C GLN A 82 10.25 0.12 -14.65
N ILE A 83 10.04 0.75 -13.49
CA ILE A 83 9.07 1.81 -13.33
C ILE A 83 9.70 2.96 -12.56
N ASP A 84 9.14 4.15 -12.73
CA ASP A 84 9.72 5.36 -12.14
C ASP A 84 9.36 5.58 -10.68
N GLY A 85 8.13 5.26 -10.32
CA GLY A 85 7.66 5.51 -8.97
C GLY A 85 6.54 4.55 -8.66
N MET A 86 6.09 4.54 -7.41
CA MET A 86 4.94 3.72 -7.04
C MET A 86 4.12 4.39 -5.95
N ILE A 87 2.82 4.15 -6.02
CA ILE A 87 1.93 4.56 -4.96
C ILE A 87 1.00 3.36 -4.75
N ALA A 88 1.01 2.82 -3.55
CA ALA A 88 0.34 1.54 -3.29
C ALA A 88 0.11 1.35 -1.81
N GLY A 89 -0.39 2.40 -1.15
CA GLY A 89 -0.54 2.36 0.29
C GLY A 89 0.73 1.88 0.96
N MET A 90 1.85 2.47 0.53
CA MET A 90 3.17 1.98 0.92
C MET A 90 3.71 2.64 2.18
N SER A 91 3.98 1.82 3.19
CA SER A 91 4.51 2.30 4.46
C SER A 91 5.94 2.80 4.35
N ILE A 92 6.16 3.98 4.88
CA ILE A 92 7.50 4.54 5.06
C ILE A 92 8.12 3.85 6.25
N THR A 93 9.24 3.18 6.04
CA THR A 93 9.95 2.51 7.13
C THR A 93 11.44 2.80 7.02
N ASP A 94 12.11 2.72 8.15
CA ASP A 94 13.54 2.94 8.21
C ASP A 94 14.29 1.96 7.31
N GLU A 95 13.88 0.70 7.32
CA GLU A 95 14.53 -0.28 6.48
C GLU A 95 14.35 0.02 5.00
N ARG A 96 13.16 0.43 4.60
CA ARG A 96 12.90 0.74 3.21
C ARG A 96 13.64 1.99 2.74
N LYS A 97 13.90 2.93 3.66
CA LYS A 97 14.62 4.13 3.30
C LYS A 97 16.05 3.85 2.87
N LYS A 98 16.54 2.63 3.12
CA LYS A 98 17.86 2.24 2.63
C LYS A 98 17.89 2.04 1.10
N SER A 99 16.71 1.81 0.50
CA SER A 99 16.66 1.54 -0.93
CA SER A 99 16.58 1.44 -0.91
C SER A 99 15.61 2.34 -1.68
N PHE A 100 14.77 3.08 -0.96
CA PHE A 100 13.75 3.94 -1.55
C PHE A 100 13.89 5.34 -0.99
N ASP A 101 13.53 6.35 -1.80
CA ASP A 101 13.25 7.69 -1.31
C ASP A 101 11.73 7.86 -1.30
N PHE A 102 11.21 8.38 -0.19
CA PHE A 102 9.79 8.57 -0.01
C PHE A 102 9.40 10.03 -0.05
N SER A 103 8.17 10.27 -0.48
CA SER A 103 7.54 11.57 -0.32
C SER A 103 7.20 11.84 1.13
N ASP A 104 6.75 13.07 1.38
CA ASP A 104 6.07 13.38 2.63
C ASP A 104 4.88 12.41 2.82
N PRO A 105 4.53 12.13 4.07
CA PRO A 105 3.46 11.16 4.33
C PRO A 105 2.08 11.72 3.97
N TYR A 106 1.19 10.84 3.49
CA TYR A 106 -0.14 11.26 3.07
C TYR A 106 -1.27 10.51 3.73
N PHE A 107 -0.97 9.56 4.62
CA PHE A 107 -2.01 8.83 5.33
C PHE A 107 -1.39 8.11 6.52
N ASP A 108 -2.09 8.08 7.66
CA ASP A 108 -1.63 7.32 8.83
C ASP A 108 -2.35 5.99 8.92
N SER A 109 -1.54 4.92 9.00
CA SER A 109 -2.05 3.57 8.91
C SER A 109 -1.43 2.67 9.97
N GLY A 110 -1.59 1.37 9.77
CA GLY A 110 -1.11 0.37 10.69
C GLY A 110 -1.63 -0.97 10.24
N LEU A 111 -1.49 -1.97 11.10
CA LEU A 111 -1.89 -3.34 10.79
C LEU A 111 -3.08 -3.78 11.64
N GLN A 112 -3.83 -4.77 11.14
CA GLN A 112 -5.00 -5.31 11.82
C GLN A 112 -5.08 -6.82 11.57
N LEU A 113 -5.31 -7.58 12.64
CA LEU A 113 -5.62 -9.00 12.54
C LEU A 113 -7.11 -9.18 12.22
N ALA A 114 -7.42 -10.16 11.38
CA ALA A 114 -8.81 -10.46 11.01
C ALA A 114 -9.03 -11.94 10.84
N VAL A 115 -10.26 -12.36 11.12
CA VAL A 115 -10.69 -13.74 10.95
C VAL A 115 -12.03 -13.76 10.22
N LYS A 116 -12.48 -14.95 9.84
CA LYS A 116 -13.79 -15.06 9.20
C LYS A 116 -14.90 -14.64 10.15
N LYS A 117 -15.91 -13.95 9.63
CA LYS A 117 -17.06 -13.57 10.43
C LYS A 117 -17.66 -14.82 11.08
N GLY A 118 -17.94 -14.72 12.37
CA GLY A 118 -18.50 -15.83 13.13
C GLY A 118 -17.49 -16.71 13.84
N ASN A 119 -16.19 -16.47 13.64
CA ASN A 119 -15.18 -17.33 14.24
C ASN A 119 -14.89 -16.92 15.67
N ASP A 120 -15.64 -17.52 16.58
CA ASP A 120 -15.54 -17.25 18.00
C ASP A 120 -14.32 -17.88 18.65
N LYS A 121 -13.56 -18.68 17.90
CA LYS A 121 -12.39 -19.35 18.45
C LYS A 121 -11.18 -18.43 18.51
N ILE A 122 -11.22 -17.30 17.79
CA ILE A 122 -10.10 -16.36 17.79
C ILE A 122 -10.58 -14.96 18.15
N LYS A 123 -10.26 -14.54 19.37
CA LYS A 123 -10.68 -13.22 19.86
CA LYS A 123 -10.68 -13.23 19.89
C LYS A 123 -9.49 -12.38 20.31
N SER A 124 -8.29 -12.95 20.21
CA SER A 124 -7.07 -12.29 20.63
CA SER A 124 -7.08 -12.21 20.51
C SER A 124 -5.89 -12.90 19.88
N TYR A 125 -4.72 -12.26 19.97
CA TYR A 125 -3.51 -12.86 19.43
C TYR A 125 -3.13 -14.14 20.18
N ASP A 126 -3.52 -14.24 21.44
CA ASP A 126 -3.24 -15.45 22.23
C ASP A 126 -4.00 -16.67 21.73
N ASP A 127 -5.05 -16.43 20.94
CA ASP A 127 -5.83 -17.51 20.37
C ASP A 127 -5.24 -18.06 19.07
N LEU A 128 -4.09 -17.55 18.66
CA LEU A 128 -3.50 -17.97 17.38
C LEU A 128 -2.66 -19.23 17.50
N LYS A 129 -2.48 -19.73 18.73
CA LYS A 129 -1.69 -20.93 18.94
CA LYS A 129 -1.69 -20.93 18.93
C LYS A 129 -2.27 -22.07 18.10
N GLY A 130 -1.42 -22.70 17.30
CA GLY A 130 -1.83 -23.82 16.47
C GLY A 130 -2.59 -23.45 15.22
N LYS A 131 -2.75 -22.15 14.95
CA LYS A 131 -3.50 -21.69 13.80
C LYS A 131 -2.56 -21.33 12.66
N THR A 132 -3.13 -21.11 11.48
CA THR A 132 -2.39 -20.63 10.33
C THR A 132 -2.83 -19.20 10.04
N VAL A 133 -1.85 -18.31 9.90
CA VAL A 133 -2.10 -16.89 9.71
C VAL A 133 -1.40 -16.48 8.40
N ALA A 134 -2.09 -15.67 7.60
CA ALA A 134 -1.56 -15.30 6.28
C ALA A 134 -1.44 -13.80 6.08
N ALA A 135 -0.56 -13.43 5.14
CA ALA A 135 -0.37 -12.05 4.73
C ALA A 135 0.08 -12.02 3.28
N LYS A 136 0.02 -10.83 2.69
CA LYS A 136 0.55 -10.63 1.35
C LYS A 136 2.06 -10.56 1.37
N VAL A 137 2.70 -11.24 0.43
N VAL A 137 2.68 -11.23 0.41
CA VAL A 137 4.15 -11.29 0.41
CA VAL A 137 4.13 -11.21 0.23
C VAL A 137 4.75 -9.90 0.23
C VAL A 137 4.71 -9.80 0.26
N GLY A 138 5.83 -9.64 0.98
CA GLY A 138 6.60 -8.44 0.87
C GLY A 138 6.05 -7.23 1.57
N THR A 139 5.01 -7.43 2.39
CA THR A 139 4.34 -6.31 3.04
C THR A 139 4.73 -6.20 4.49
N GLU A 140 4.36 -5.07 5.09
CA GLU A 140 4.52 -4.91 6.53
C GLU A 140 3.77 -5.99 7.32
N SER A 141 2.62 -6.42 6.81
CA SER A 141 1.91 -7.52 7.46
C SER A 141 2.76 -8.79 7.46
N ALA A 142 3.38 -9.10 6.33
CA ALA A 142 4.20 -10.29 6.25
C ALA A 142 5.37 -10.18 7.22
N ASN A 143 5.98 -8.98 7.33
CA ASN A 143 7.08 -8.80 8.25
C ASN A 143 6.63 -8.98 9.70
N PHE A 144 5.46 -8.43 10.02
CA PHE A 144 4.87 -8.60 11.35
C PHE A 144 4.69 -10.09 11.66
N LEU A 145 4.24 -10.85 10.67
CA LEU A 145 4.02 -12.28 10.92
C LEU A 145 5.32 -12.98 11.23
N GLU A 146 6.39 -12.66 10.51
N GLU A 146 6.39 -12.63 10.53
CA GLU A 146 7.68 -13.30 10.76
CA GLU A 146 7.69 -13.27 10.74
C GLU A 146 8.13 -12.97 12.18
C GLU A 146 8.27 -12.92 12.10
N LYS A 147 8.00 -11.71 12.56
CA LYS A 147 8.50 -11.25 13.86
C LYS A 147 7.81 -11.95 15.01
N ASN A 148 6.53 -12.23 14.83
CA ASN A 148 5.71 -12.68 15.96
C ASN A 148 5.35 -14.17 15.92
N LYS A 149 5.96 -14.88 14.98
CA LYS A 149 5.60 -16.28 14.73
CA LYS A 149 5.65 -16.29 14.72
C LYS A 149 5.78 -17.18 15.95
N GLU A 150 6.93 -17.12 16.60
CA GLU A 150 7.19 -17.96 17.78
C GLU A 150 6.46 -17.43 19.00
N LYS A 151 6.34 -16.10 19.09
CA LYS A 151 5.65 -15.49 20.19
C LYS A 151 4.20 -16.02 20.36
N TYR A 152 3.47 -16.09 19.25
CA TYR A 152 2.08 -16.54 19.31
C TYR A 152 1.87 -17.93 18.74
N ASP A 153 2.94 -18.58 18.30
CA ASP A 153 2.94 -20.00 17.93
C ASP A 153 1.96 -20.38 16.83
N TYR A 154 2.00 -19.61 15.74
CA TYR A 154 1.23 -19.91 14.53
C TYR A 154 2.14 -20.33 13.37
N THR A 155 1.50 -20.83 12.31
CA THR A 155 2.17 -21.16 11.05
C THR A 155 1.84 -20.05 10.05
N ILE A 156 2.78 -19.70 9.20
CA ILE A 156 2.61 -18.61 8.25
C ILE A 156 2.32 -19.11 6.85
N LYS A 157 1.39 -18.45 6.18
CA LYS A 157 1.25 -18.53 4.73
C LYS A 157 1.35 -17.14 4.12
N ASN A 158 1.84 -17.09 2.89
N ASN A 158 1.86 -17.07 2.90
CA ASN A 158 1.93 -15.83 2.15
CA ASN A 158 1.94 -15.81 2.15
C ASN A 158 1.22 -15.97 0.80
C ASN A 158 1.17 -15.98 0.85
N PHE A 159 0.59 -14.87 0.38
CA PHE A 159 -0.08 -14.81 -0.93
C PHE A 159 0.44 -13.61 -1.72
N ASP A 160 0.43 -13.68 -3.05
CA ASP A 160 0.96 -12.59 -3.86
C ASP A 160 0.13 -11.31 -3.80
N ASP A 161 -1.17 -11.45 -3.66
CA ASP A 161 -2.06 -10.31 -3.68
C ASP A 161 -3.31 -10.58 -2.87
N ALA A 162 -4.19 -9.59 -2.82
CA ALA A 162 -5.37 -9.65 -1.99
C ALA A 162 -6.32 -10.79 -2.33
N THR A 163 -6.42 -11.16 -3.60
CA THR A 163 -7.38 -12.19 -3.96
C THR A 163 -7.10 -13.48 -3.20
N GLY A 164 -5.86 -13.95 -3.22
CA GLY A 164 -5.51 -15.16 -2.51
C GLY A 164 -5.64 -15.03 -1.00
N LEU A 165 -5.22 -13.88 -0.48
CA LEU A 165 -5.23 -13.64 0.96
C LEU A 165 -6.65 -13.74 1.51
N TYR A 166 -7.59 -13.04 0.89
CA TYR A 166 -8.95 -13.01 1.43
C TYR A 166 -9.72 -14.31 1.19
N LYS A 167 -9.42 -15.00 0.09
N LYS A 167 -9.42 -15.00 0.09
CA LYS A 167 -10.01 -16.30 -0.17
CA LYS A 167 -10.02 -16.30 -0.15
C LYS A 167 -9.58 -17.31 0.88
C LYS A 167 -9.58 -17.30 0.90
N ALA A 168 -8.40 -17.09 1.47
CA ALA A 168 -7.84 -18.04 2.43
C ALA A 168 -8.68 -18.26 3.68
N LEU A 169 -9.43 -17.27 4.11
CA LEU A 169 -10.32 -17.42 5.27
C LEU A 169 -11.52 -18.31 5.01
N GLU A 170 -11.84 -18.59 3.75
N GLU A 170 -11.83 -18.57 3.74
CA GLU A 170 -13.05 -19.36 3.42
CA GLU A 170 -13.03 -19.33 3.36
C GLU A 170 -12.80 -20.69 2.72
C GLU A 170 -12.77 -20.73 2.85
N ASN A 171 -11.56 -20.97 2.35
CA ASN A 171 -11.23 -22.20 1.62
C ASN A 171 -10.33 -23.18 2.39
N GLY A 172 -10.16 -22.95 3.69
CA GLY A 172 -9.36 -23.84 4.51
C GLY A 172 -7.87 -23.51 4.61
N GLU A 173 -7.42 -22.46 3.94
CA GLU A 173 -5.99 -22.16 3.87
CA GLU A 173 -5.98 -22.22 3.90
C GLU A 173 -5.47 -21.44 5.11
N ALA A 174 -6.26 -20.54 5.67
CA ALA A 174 -5.84 -19.78 6.83
C ALA A 174 -6.98 -19.54 7.81
N ASP A 175 -6.64 -19.52 9.08
CA ASP A 175 -7.56 -19.13 10.14
C ASP A 175 -7.65 -17.64 10.38
N ALA A 176 -6.60 -16.91 10.01
CA ALA A 176 -6.56 -15.48 10.23
C ALA A 176 -5.66 -14.85 9.20
N ILE A 177 -5.85 -13.55 8.99
CA ILE A 177 -4.98 -12.77 8.12
C ILE A 177 -4.57 -11.49 8.81
N VAL A 178 -3.48 -10.90 8.34
CA VAL A 178 -3.10 -9.55 8.78
C VAL A 178 -3.03 -8.71 7.51
N ASP A 179 -3.63 -7.53 7.55
CA ASP A 179 -3.57 -6.58 6.43
C ASP A 179 -3.64 -5.19 7.03
N ASP A 180 -3.56 -4.17 6.20
CA ASP A 180 -3.57 -2.83 6.76
C ASP A 180 -4.92 -2.46 7.38
N TYR A 181 -4.83 -1.72 8.48
CA TYR A 181 -5.99 -1.31 9.28
C TYR A 181 -7.10 -0.61 8.47
N PRO A 182 -6.77 0.43 7.68
CA PRO A 182 -7.88 1.09 6.95
C PRO A 182 -8.47 0.22 5.85
N VAL A 183 -7.67 -0.70 5.30
CA VAL A 183 -8.15 -1.60 4.26
C VAL A 183 -9.12 -2.62 4.83
N LEU A 184 -8.78 -3.20 5.98
CA LEU A 184 -9.70 -4.12 6.62
C LEU A 184 -10.97 -3.42 7.11
N GLY A 185 -10.85 -2.19 7.61
CA GLY A 185 -12.03 -1.45 8.00
C GLY A 185 -12.97 -1.23 6.81
N TYR A 186 -12.38 -0.84 5.68
CA TYR A 186 -13.18 -0.60 4.48
C TYR A 186 -13.84 -1.90 4.00
N ALA A 187 -13.12 -3.02 4.11
CA ALA A 187 -13.66 -4.32 3.69
C ALA A 187 -14.86 -4.74 4.54
N VAL A 188 -14.79 -4.51 5.86
CA VAL A 188 -15.94 -4.79 6.73
C VAL A 188 -17.15 -3.96 6.28
N LYS A 189 -16.91 -2.69 5.98
CA LYS A 189 -18.02 -1.83 5.52
C LYS A 189 -18.54 -2.23 4.13
N ASN A 190 -17.71 -2.93 3.36
CA ASN A 190 -18.07 -3.46 2.04
C ASN A 190 -18.84 -4.78 2.13
N GLY A 191 -19.15 -5.23 3.34
CA GLY A 191 -19.95 -6.42 3.51
C GLY A 191 -19.19 -7.72 3.46
N GLN A 192 -17.86 -7.65 3.47
CA GLN A 192 -17.09 -8.88 3.44
C GLN A 192 -17.20 -9.59 4.77
N LYS A 193 -17.10 -10.91 4.72
N LYS A 193 -17.08 -10.91 4.72
CA LYS A 193 -17.36 -11.74 5.89
CA LYS A 193 -17.34 -11.77 5.86
C LYS A 193 -16.15 -11.81 6.80
C LYS A 193 -16.13 -11.82 6.79
N LEU A 194 -15.90 -10.69 7.46
CA LEU A 194 -14.72 -10.49 8.31
C LEU A 194 -15.08 -10.07 9.73
N GLN A 195 -14.21 -10.49 10.65
CA GLN A 195 -14.28 -10.18 12.08
CA GLN A 195 -14.28 -10.15 12.06
C GLN A 195 -12.90 -9.62 12.43
N LEU A 196 -12.83 -8.37 12.89
CA LEU A 196 -11.53 -7.80 13.21
C LEU A 196 -11.17 -8.16 14.66
N VAL A 197 -9.90 -8.44 14.90
CA VAL A 197 -9.45 -8.94 16.19
C VAL A 197 -8.34 -8.04 16.72
N GLY A 198 -8.59 -7.47 17.89
CA GLY A 198 -7.63 -6.57 18.48
C GLY A 198 -7.58 -5.23 17.77
N ASP A 199 -6.55 -4.48 18.13
CA ASP A 199 -6.41 -3.10 17.74
C ASP A 199 -5.29 -2.92 16.73
N LYS A 200 -5.09 -1.68 16.32
CA LYS A 200 -4.03 -1.35 15.40
C LYS A 200 -2.69 -1.76 15.99
N GLU A 201 -1.85 -2.40 15.17
CA GLU A 201 -0.47 -2.70 15.50
C GLU A 201 0.45 -2.06 14.47
N THR A 202 1.67 -1.76 14.88
CA THR A 202 2.72 -1.30 13.94
C THR A 202 2.25 -0.10 13.10
N GLY A 203 2.06 1.02 13.79
CA GLY A 203 1.74 2.25 13.11
C GLY A 203 2.75 2.61 12.04
N SER A 204 2.25 3.17 10.95
CA SER A 204 3.12 3.70 9.90
C SER A 204 2.34 4.72 9.12
N SER A 205 3.03 5.44 8.25
CA SER A 205 2.38 6.39 7.36
C SER A 205 2.74 6.03 5.93
N TYR A 206 1.84 6.33 5.00
CA TYR A 206 2.06 5.98 3.60
C TYR A 206 2.79 7.11 2.88
N GLY A 207 3.66 6.73 1.95
CA GLY A 207 4.33 7.67 1.07
C GLY A 207 4.35 7.17 -0.35
N PHE A 208 4.50 8.11 -1.29
CA PHE A 208 4.88 7.80 -2.67
C PHE A 208 6.38 7.45 -2.65
N ALA A 209 6.80 6.51 -3.50
CA ALA A 209 8.18 6.05 -3.48
C ALA A 209 8.85 5.99 -4.84
N VAL A 210 10.15 6.30 -4.83
CA VAL A 210 11.02 6.10 -5.96
C VAL A 210 12.25 5.32 -5.47
N LYS A 211 13.05 4.79 -6.39
CA LYS A 211 14.28 4.13 -6.01
C LYS A 211 15.21 5.18 -5.42
N LYS A 212 15.94 4.83 -4.36
N LYS A 212 15.93 4.82 -4.37
CA LYS A 212 16.82 5.78 -3.71
CA LYS A 212 16.83 5.76 -3.71
C LYS A 212 17.84 6.34 -4.69
C LYS A 212 17.79 6.33 -4.74
N GLY A 213 17.90 7.66 -4.76
CA GLY A 213 18.80 8.36 -5.67
C GLY A 213 18.27 8.57 -7.07
N GLN A 214 17.02 8.21 -7.31
N GLN A 214 17.04 8.15 -7.32
CA GLN A 214 16.42 8.35 -8.63
CA GLN A 214 16.40 8.32 -8.64
C GLN A 214 15.20 9.24 -8.62
C GLN A 214 15.25 9.31 -8.60
N ASN A 215 14.94 9.87 -9.77
CA ASN A 215 13.76 10.71 -9.95
C ASN A 215 13.50 11.72 -8.83
N PRO A 216 14.51 12.50 -8.47
CA PRO A 216 14.31 13.47 -7.38
C PRO A 216 13.26 14.53 -7.71
N GLU A 217 13.12 14.91 -8.98
CA GLU A 217 12.12 15.89 -9.37
CA GLU A 217 12.12 15.90 -9.34
C GLU A 217 10.70 15.37 -9.15
N LEU A 218 10.51 14.06 -9.32
CA LEU A 218 9.18 13.47 -9.13
C LEU A 218 8.78 13.56 -7.65
N ILE A 219 9.72 13.28 -6.76
CA ILE A 219 9.47 13.44 -5.33
C ILE A 219 9.17 14.91 -4.98
N LYS A 220 9.97 15.84 -5.52
CA LYS A 220 9.75 17.26 -5.28
C LYS A 220 8.36 17.69 -5.72
N LYS A 221 7.95 17.26 -6.91
CA LYS A 221 6.63 17.59 -7.42
C LYS A 221 5.52 16.94 -6.60
N PHE A 222 5.69 15.68 -6.21
CA PHE A 222 4.66 15.03 -5.41
C PHE A 222 4.47 15.81 -4.09
N ASN A 223 5.58 16.16 -3.46
CA ASN A 223 5.48 16.88 -2.18
C ASN A 223 4.83 18.25 -2.34
N ALA A 224 5.20 18.97 -3.39
CA ALA A 224 4.59 20.27 -3.62
C ALA A 224 3.09 20.14 -3.90
N GLY A 225 2.72 19.16 -4.72
CA GLY A 225 1.33 18.94 -5.05
C GLY A 225 0.53 18.53 -3.83
N LEU A 226 1.09 17.65 -3.02
CA LEU A 226 0.39 17.21 -1.82
C LEU A 226 0.09 18.37 -0.88
N LYS A 227 1.08 19.22 -0.66
CA LYS A 227 0.87 20.39 0.19
C LYS A 227 -0.24 21.27 -0.39
N ASN A 228 -0.21 21.48 -1.70
CA ASN A 228 -1.26 22.26 -2.34
C ASN A 228 -2.67 21.67 -2.17
N LEU A 229 -2.80 20.36 -2.27
CA LEU A 229 -4.11 19.73 -2.09
C LEU A 229 -4.56 19.81 -0.65
N LYS A 230 -3.63 19.71 0.29
CA LYS A 230 -4.00 19.90 1.69
C LYS A 230 -4.48 21.34 1.95
N ASP A 231 -3.71 22.31 1.47
CA ASP A 231 -4.06 23.72 1.63
C ASP A 231 -5.41 24.06 1.00
N ASN A 232 -5.69 23.53 -0.19
CA ASN A 232 -6.89 23.97 -0.92
C ASN A 232 -8.14 23.15 -0.65
N GLY A 233 -8.02 22.15 0.22
CA GLY A 233 -9.16 21.37 0.66
C GLY A 233 -9.43 20.13 -0.17
N THR A 234 -8.73 19.96 -1.29
CA THR A 234 -8.98 18.80 -2.12
C THR A 234 -8.53 17.49 -1.46
N TYR A 235 -7.42 17.51 -0.72
CA TYR A 235 -7.00 16.34 0.05
C TYR A 235 -8.13 15.84 0.95
N ASP A 236 -8.70 16.73 1.74
CA ASP A 236 -9.77 16.31 2.65
C ASP A 236 -10.97 15.76 1.89
N LYS A 237 -11.30 16.38 0.75
CA LYS A 237 -12.45 15.92 -0.03
C LYS A 237 -12.24 14.54 -0.62
N ILE A 238 -11.05 14.29 -1.14
CA ILE A 238 -10.73 12.98 -1.69
C ILE A 238 -10.90 11.91 -0.62
N LEU A 239 -10.34 12.15 0.55
CA LEU A 239 -10.44 11.15 1.61
C LEU A 239 -11.91 10.93 1.98
N ASN A 240 -12.67 12.02 2.10
CA ASN A 240 -14.05 11.90 2.51
CA ASN A 240 -14.06 11.90 2.51
C ASN A 240 -14.91 11.20 1.47
N ASN A 241 -14.54 11.32 0.20
CA ASN A 241 -15.27 10.63 -0.86
C ASN A 241 -15.26 9.12 -0.69
N TYR A 242 -14.24 8.60 0.00
CA TYR A 242 -14.16 7.16 0.27
C TYR A 242 -14.46 6.78 1.73
N LEU A 243 -14.14 7.65 2.67
CA LEU A 243 -14.17 7.29 4.09
C LEU A 243 -15.35 7.82 4.90
N ALA A 244 -16.09 8.77 4.34
CA ALA A 244 -17.25 9.33 5.04
C ALA A 244 -18.22 8.24 5.49
#